data_6PUV
#
_entry.id   6PUV
#
_cell.length_a   28.958
_cell.length_b   42.701
_cell.length_c   89.958
_cell.angle_alpha   90.00
_cell.angle_beta   90.00
_cell.angle_gamma   90.00
#
_symmetry.space_group_name_H-M   'P 21 21 21'
#
loop_
_entity.id
_entity.type
_entity.pdbx_description
1 polymer 'C-type lectin domain family 10 member A'
2 non-polymer 'CALCIUM ION'
3 water water
#
_entity_poly.entity_id   1
_entity_poly.type   'polypeptide(L)'
_entity_poly.pdbx_seq_one_letter_code
;SCPVNWVEHQDSCYWFSHSGMSWAEAEKYCQLKNAHLVVINSREEQNFVQKYLGSAYTWMGLSDPEGAWKWVDGTDYATG
FQNWKPGQPDDWQGHGLGGGEDCAHFHPDGRWNDDVCQRPYHWVCEAGL
;
_entity_poly.pdbx_strand_id   A
#
loop_
_chem_comp.id
_chem_comp.type
_chem_comp.name
_chem_comp.formula
CA non-polymer 'CALCIUM ION' 'Ca 2'
#
# COMPACT_ATOMS: atom_id res chain seq x y z
N SER A 1 15.42 -12.41 -9.56
CA SER A 1 15.74 -10.96 -9.79
C SER A 1 14.45 -10.21 -10.20
N CYS A 2 14.48 -8.90 -10.11
CA CYS A 2 13.31 -8.00 -10.30
C CYS A 2 13.44 -7.24 -11.63
N PRO A 3 12.34 -6.74 -12.21
CA PRO A 3 12.48 -5.86 -13.37
C PRO A 3 13.26 -4.58 -13.04
N VAL A 4 13.79 -3.92 -14.09
CA VAL A 4 14.55 -2.66 -13.86
C VAL A 4 13.51 -1.66 -13.29
N ASN A 5 14.03 -0.87 -12.40
CA ASN A 5 13.34 0.16 -11.61
C ASN A 5 12.59 -0.42 -10.42
N TRP A 6 12.56 -1.75 -10.27
CA TRP A 6 11.98 -2.34 -9.05
C TRP A 6 13.12 -2.69 -8.08
N VAL A 7 12.81 -2.74 -6.81
CA VAL A 7 13.80 -3.09 -5.76
C VAL A 7 13.35 -4.39 -5.11
N GLU A 8 14.34 -5.17 -4.71
CA GLU A 8 14.16 -6.53 -4.21
C GLU A 8 14.30 -6.52 -2.69
N HIS A 9 13.45 -7.29 -2.03
CA HIS A 9 13.66 -7.54 -0.59
C HIS A 9 12.97 -8.87 -0.30
N GLN A 10 13.73 -9.84 0.22
CA GLN A 10 13.24 -11.19 0.60
C GLN A 10 12.62 -11.77 -0.68
N ASP A 11 11.32 -12.07 -0.65
CA ASP A 11 10.70 -12.77 -1.82
C ASP A 11 9.86 -11.84 -2.67
N SER A 12 10.04 -10.52 -2.55
CA SER A 12 9.19 -9.57 -3.24
C SER A 12 10.04 -8.61 -4.05
N CYS A 13 9.42 -8.13 -5.11
CA CYS A 13 9.88 -6.97 -5.92
C CYS A 13 8.91 -5.82 -5.66
N TYR A 14 9.45 -4.61 -5.53
CA TYR A 14 8.63 -3.40 -5.26
C TYR A 14 8.93 -2.33 -6.27
N TRP A 15 7.89 -1.62 -6.70
CA TRP A 15 8.02 -0.44 -7.58
C TRP A 15 7.27 0.73 -6.94
N PHE A 16 7.96 1.86 -6.84
CA PHE A 16 7.42 3.12 -6.25
C PHE A 16 7.10 4.09 -7.36
N SER A 17 5.83 4.48 -7.44
CA SER A 17 5.41 5.41 -8.50
C SER A 17 6.05 6.79 -8.27
N HIS A 18 6.20 7.55 -9.36
CA HIS A 18 6.70 8.95 -9.36
C HIS A 18 5.55 9.90 -9.67
N SER A 19 4.33 9.44 -9.69
CA SER A 19 3.13 10.26 -9.97
C SER A 19 1.96 9.70 -9.18
N GLY A 20 0.80 10.33 -9.22
CA GLY A 20 -0.33 9.86 -8.42
C GLY A 20 -1.49 9.40 -9.27
N MET A 21 -2.34 8.62 -8.66
CA MET A 21 -3.51 7.97 -9.30
C MET A 21 -4.48 7.64 -8.16
N SER A 22 -5.77 7.57 -8.45
CA SER A 22 -6.76 7.02 -7.50
C SER A 22 -6.38 5.59 -7.12
N TRP A 23 -6.84 5.18 -5.96
CA TRP A 23 -6.49 3.85 -5.42
C TRP A 23 -6.86 2.75 -6.44
N ALA A 24 -8.06 2.77 -6.96
CA ALA A 24 -8.51 1.71 -7.88
C ALA A 24 -7.69 1.73 -9.18
N GLU A 25 -7.35 2.91 -9.67
CA GLU A 25 -6.53 2.96 -10.91
C GLU A 25 -5.12 2.47 -10.64
N ALA A 26 -4.59 2.78 -9.46
CA ALA A 26 -3.28 2.25 -9.06
C ALA A 26 -3.31 0.73 -8.98
N GLU A 27 -4.37 0.18 -8.39
CA GLU A 27 -4.47 -1.30 -8.29
C GLU A 27 -4.51 -1.88 -9.71
N LYS A 28 -5.24 -1.27 -10.63
CA LYS A 28 -5.31 -1.78 -12.02
C LYS A 28 -3.92 -1.73 -12.66
N TYR A 29 -3.20 -0.64 -12.44
CA TYR A 29 -1.82 -0.48 -12.96
C TYR A 29 -0.96 -1.61 -12.43
N CYS A 30 -1.01 -1.87 -11.14
CA CYS A 30 -0.18 -2.94 -10.58
C CYS A 30 -0.59 -4.30 -11.17
N GLN A 31 -1.90 -4.58 -11.28
CA GLN A 31 -2.41 -5.88 -11.81
CA GLN A 31 -2.31 -5.92 -11.75
C GLN A 31 -1.84 -6.11 -13.21
N LEU A 32 -1.80 -5.05 -14.00
CA LEU A 32 -1.30 -5.12 -15.41
C LEU A 32 0.21 -5.39 -15.42
N LYS A 33 0.91 -5.11 -14.33
CA LYS A 33 2.36 -5.45 -14.12
C LYS A 33 2.50 -6.78 -13.37
N ASN A 34 1.46 -7.60 -13.34
CA ASN A 34 1.47 -8.90 -12.61
C ASN A 34 1.87 -8.68 -11.15
N ALA A 35 1.26 -7.68 -10.56
CA ALA A 35 1.57 -7.21 -9.21
C ALA A 35 0.27 -6.77 -8.53
N HIS A 36 0.39 -6.30 -7.30
CA HIS A 36 -0.73 -5.70 -6.56
C HIS A 36 -0.21 -4.52 -5.78
N LEU A 37 -1.12 -3.68 -5.35
CA LEU A 37 -0.74 -2.62 -4.42
C LEU A 37 -0.10 -3.29 -3.21
N VAL A 38 0.92 -2.71 -2.63
CA VAL A 38 1.75 -3.39 -1.62
C VAL A 38 0.88 -3.83 -0.46
N VAL A 39 1.17 -5.06 0.01
CA VAL A 39 0.57 -5.62 1.24
C VAL A 39 1.69 -5.76 2.27
N ILE A 40 1.55 -5.06 3.39
CA ILE A 40 2.60 -5.04 4.42
C ILE A 40 2.31 -6.19 5.39
N ASN A 41 3.11 -7.26 5.33
CA ASN A 41 2.87 -8.51 6.08
C ASN A 41 3.62 -8.53 7.39
N SER A 42 4.59 -7.63 7.62
CA SER A 42 5.49 -7.74 8.78
C SER A 42 6.17 -6.40 9.04
N ARG A 43 6.77 -6.26 10.21
CA ARG A 43 7.61 -5.12 10.61
C ARG A 43 8.80 -5.04 9.65
N GLU A 44 9.47 -6.16 9.34
CA GLU A 44 10.68 -6.09 8.47
CA GLU A 44 10.69 -6.04 8.49
C GLU A 44 10.27 -5.53 7.10
N GLU A 45 9.12 -5.97 6.58
CA GLU A 45 8.63 -5.50 5.28
C GLU A 45 8.28 -4.01 5.38
N GLN A 46 7.58 -3.61 6.43
CA GLN A 46 7.30 -2.17 6.70
C GLN A 46 8.59 -1.37 6.64
N ASN A 47 9.61 -1.84 7.35
CA ASN A 47 10.85 -1.04 7.46
C ASN A 47 11.51 -0.93 6.08
N PHE A 48 11.48 -1.98 5.27
CA PHE A 48 12.09 -1.92 3.92
C PHE A 48 11.33 -0.94 3.03
N VAL A 49 10.03 -1.11 3.00
CA VAL A 49 9.20 -0.33 2.06
C VAL A 49 9.29 1.15 2.46
N GLN A 50 9.28 1.45 3.74
CA GLN A 50 9.11 2.86 4.14
C GLN A 50 10.36 3.68 3.78
N LYS A 51 11.56 3.07 3.70
CA LYS A 51 12.74 3.90 3.40
C LYS A 51 12.69 4.43 1.96
N TYR A 52 11.92 3.81 1.05
CA TYR A 52 11.81 4.26 -0.36
C TYR A 52 10.64 5.21 -0.58
N LEU A 53 9.84 5.47 0.45
CA LEU A 53 8.72 6.40 0.28
C LEU A 53 9.29 7.78 0.02
N GLY A 54 8.57 8.54 -0.80
CA GLY A 54 8.84 9.97 -1.01
C GLY A 54 8.08 10.80 0.01
N SER A 55 7.90 12.10 -0.26
CA SER A 55 7.12 13.02 0.59
C SER A 55 5.61 12.95 0.26
N ALA A 56 5.25 12.37 -0.88
CA ALA A 56 3.84 12.20 -1.27
C ALA A 56 3.15 11.14 -0.42
N TYR A 57 1.92 11.40 -0.02
CA TYR A 57 1.07 10.32 0.50
C TYR A 57 1.03 9.23 -0.56
N THR A 58 1.08 7.97 -0.07
CA THR A 58 1.34 6.83 -0.97
C THR A 58 0.38 5.69 -0.61
N TRP A 59 -0.42 5.27 -1.57
CA TRP A 59 -1.35 4.13 -1.37
C TRP A 59 -0.64 2.81 -1.07
N MET A 60 -1.29 2.04 -0.19
CA MET A 60 -1.03 0.59 -0.04
C MET A 60 -2.31 -0.17 -0.37
N GLY A 61 -2.19 -1.49 -0.47
CA GLY A 61 -3.32 -2.34 -0.86
C GLY A 61 -4.25 -2.65 0.29
N LEU A 62 -4.75 -1.66 1.00
CA LEU A 62 -5.64 -1.82 2.16
C LEU A 62 -6.79 -0.82 1.98
N SER A 63 -8.02 -1.29 2.06
CA SER A 63 -9.22 -0.46 1.83
C SER A 63 -10.37 -0.97 2.68
N ASP A 64 -11.47 -0.18 2.78
CA ASP A 64 -12.57 -0.49 3.72
CA ASP A 64 -12.58 -0.50 3.72
C ASP A 64 -13.92 -0.51 2.99
N PRO A 65 -14.08 -1.28 1.90
CA PRO A 65 -15.27 -1.20 1.06
C PRO A 65 -16.64 -1.29 1.76
N GLU A 66 -16.79 -2.12 2.80
CA GLU A 66 -18.12 -2.40 3.42
C GLU A 66 -18.01 -2.32 4.94
N GLY A 67 -17.27 -1.36 5.48
CA GLY A 67 -17.07 -1.17 6.93
C GLY A 67 -16.18 -2.24 7.53
N ALA A 68 -15.34 -2.89 6.72
CA ALA A 68 -14.28 -3.80 7.21
C ALA A 68 -13.02 -3.55 6.38
N TRP A 69 -11.90 -3.32 7.04
CA TRP A 69 -10.57 -3.22 6.40
C TRP A 69 -10.16 -4.56 5.80
N LYS A 70 -9.68 -4.52 4.57
CA LYS A 70 -9.32 -5.72 3.78
C LYS A 70 -8.04 -5.41 3.00
N TRP A 71 -7.07 -6.33 3.03
CA TRP A 71 -5.91 -6.31 2.11
C TRP A 71 -6.37 -6.81 0.74
N VAL A 72 -5.79 -6.28 -0.32
CA VAL A 72 -6.25 -6.55 -1.70
C VAL A 72 -6.02 -8.00 -2.08
N ASP A 73 -5.06 -8.67 -1.46
CA ASP A 73 -4.73 -10.06 -1.85
C ASP A 73 -5.41 -11.05 -0.90
N GLY A 74 -6.28 -10.58 -0.02
CA GLY A 74 -7.03 -11.44 0.91
C GLY A 74 -6.27 -11.72 2.21
N THR A 75 -5.06 -11.19 2.39
CA THR A 75 -4.31 -11.30 3.67
C THR A 75 -5.21 -10.88 4.82
N ASP A 76 -5.18 -11.59 5.95
CA ASP A 76 -6.11 -11.26 7.05
C ASP A 76 -5.66 -9.97 7.71
N TYR A 77 -6.58 -9.04 7.87
CA TYR A 77 -6.25 -7.71 8.43
C TYR A 77 -6.17 -7.75 9.95
N ALA A 78 -7.19 -8.29 10.62
CA ALA A 78 -7.29 -8.19 12.10
C ALA A 78 -6.11 -8.90 12.78
N THR A 79 -5.62 -10.02 12.24
CA THR A 79 -4.53 -10.79 12.88
C THR A 79 -3.18 -10.44 12.28
N GLY A 80 -3.16 -9.47 11.35
CA GLY A 80 -1.97 -9.10 10.56
C GLY A 80 -1.27 -7.91 11.18
N PHE A 81 -0.13 -7.58 10.60
CA PHE A 81 0.68 -6.40 10.97
C PHE A 81 -0.15 -5.13 10.76
N GLN A 82 -0.06 -4.16 11.68
CA GLN A 82 -0.69 -2.84 11.56
C GLN A 82 0.30 -1.76 12.04
N ASN A 83 0.25 -0.61 11.39
CA ASN A 83 1.23 0.48 11.65
C ASN A 83 0.51 1.81 11.51
N TRP A 84 -0.69 1.92 12.05
CA TRP A 84 -1.46 3.17 11.97
C TRP A 84 -0.79 4.31 12.74
N LYS A 85 -0.96 5.52 12.23
CA LYS A 85 -0.73 6.72 13.05
C LYS A 85 -1.60 6.64 14.29
N PRO A 86 -1.15 7.22 15.43
CA PRO A 86 -1.97 7.19 16.63
C PRO A 86 -3.37 7.77 16.37
N GLY A 87 -4.39 7.05 16.83
CA GLY A 87 -5.80 7.46 16.75
C GLY A 87 -6.40 7.14 15.39
N GLN A 88 -5.65 6.52 14.48
CA GLN A 88 -6.12 6.27 13.11
C GLN A 88 -6.37 4.79 12.91
N PRO A 89 -7.26 4.45 11.96
CA PRO A 89 -8.04 5.38 11.12
C PRO A 89 -9.24 5.94 11.87
N ASP A 90 -9.57 7.20 11.63
CA ASP A 90 -10.63 7.87 12.40
C ASP A 90 -11.93 8.05 11.58
N ASP A 91 -11.98 7.57 10.34
CA ASP A 91 -13.17 7.83 9.48
C ASP A 91 -13.53 6.56 8.70
N TRP A 92 -14.05 5.52 9.35
CA TRP A 92 -14.23 4.19 8.72
C TRP A 92 -15.53 3.55 9.20
N GLU A 101 -15.74 5.55 -0.15
CA GLU A 101 -14.96 4.51 0.58
C GLU A 101 -13.61 5.04 0.99
N ASP A 102 -13.05 4.37 1.99
CA ASP A 102 -11.82 4.74 2.73
CA ASP A 102 -11.78 4.81 2.61
C ASP A 102 -10.70 3.81 2.26
N CYS A 103 -9.51 4.34 2.09
CA CYS A 103 -8.31 3.59 1.63
C CYS A 103 -7.13 4.01 2.51
N ALA A 104 -6.18 3.12 2.70
CA ALA A 104 -5.02 3.42 3.55
C ALA A 104 -3.83 3.87 2.72
N HIS A 105 -3.14 4.87 3.27
CA HIS A 105 -1.90 5.36 2.66
C HIS A 105 -0.83 5.49 3.74
N PHE A 106 0.40 5.54 3.26
CA PHE A 106 1.55 5.89 4.10
C PHE A 106 1.68 7.40 4.18
N HIS A 107 2.07 7.87 5.35
CA HIS A 107 2.75 9.16 5.51
C HIS A 107 4.22 8.96 5.16
N PRO A 108 4.99 10.06 4.95
CA PRO A 108 6.40 9.91 4.64
C PRO A 108 7.22 9.15 5.69
N ASP A 109 6.76 9.16 6.94
CA ASP A 109 7.44 8.45 8.07
C ASP A 109 7.05 6.95 8.12
N GLY A 110 6.21 6.48 7.21
CA GLY A 110 5.83 5.09 7.09
C GLY A 110 4.57 4.71 7.83
N ARG A 111 4.06 5.56 8.73
CA ARG A 111 2.84 5.23 9.47
C ARG A 111 1.62 5.47 8.60
N TRP A 112 0.56 4.74 8.94
CA TRP A 112 -0.59 4.61 8.02
C TRP A 112 -1.71 5.57 8.41
N ASN A 113 -2.47 5.99 7.43
CA ASN A 113 -3.67 6.80 7.71
C ASN A 113 -4.67 6.47 6.63
N ASP A 114 -5.86 7.05 6.74
CA ASP A 114 -6.96 6.80 5.79
C ASP A 114 -7.29 8.10 5.04
N ASP A 115 -7.74 7.95 3.81
CA ASP A 115 -8.36 9.03 3.04
C ASP A 115 -9.31 8.39 2.04
N VAL A 116 -10.05 9.24 1.37
CA VAL A 116 -11.00 8.75 0.34
CA VAL A 116 -11.01 8.79 0.33
C VAL A 116 -10.21 8.23 -0.86
N CYS A 117 -10.71 7.16 -1.43
CA CYS A 117 -9.98 6.35 -2.43
C CYS A 117 -9.78 7.13 -3.74
N GLN A 118 -10.48 8.24 -3.96
CA GLN A 118 -10.37 8.98 -5.22
C GLN A 118 -9.08 9.81 -5.26
N ARG A 119 -8.40 10.04 -4.15
CA ARG A 119 -7.26 10.98 -4.13
C ARG A 119 -6.16 10.44 -5.02
N PRO A 120 -5.53 11.32 -5.81
CA PRO A 120 -4.46 10.89 -6.71
C PRO A 120 -3.09 10.84 -6.01
N TYR A 121 -2.94 9.86 -5.13
CA TYR A 121 -1.71 9.67 -4.37
C TYR A 121 -0.74 8.79 -5.14
N HIS A 122 0.55 8.86 -4.76
CA HIS A 122 1.55 7.90 -5.27
C HIS A 122 1.15 6.50 -4.77
N TRP A 123 1.83 5.48 -5.25
CA TRP A 123 1.52 4.10 -4.82
C TRP A 123 2.77 3.26 -4.92
N VAL A 124 2.66 2.05 -4.37
CA VAL A 124 3.70 1.00 -4.45
C VAL A 124 3.06 -0.27 -5.00
N CYS A 125 3.67 -0.85 -6.00
CA CYS A 125 3.32 -2.20 -6.46
C CYS A 125 4.28 -3.20 -5.83
N GLU A 126 3.77 -4.41 -5.58
CA GLU A 126 4.54 -5.56 -5.02
C GLU A 126 4.22 -6.77 -5.89
N ALA A 127 5.26 -7.44 -6.31
CA ALA A 127 5.18 -8.67 -7.10
C ALA A 127 6.09 -9.74 -6.48
N GLY A 128 5.86 -10.98 -6.83
CA GLY A 128 6.84 -12.07 -6.61
C GLY A 128 8.09 -11.93 -7.47
N LEU A 129 9.16 -12.66 -7.12
CA LEU A 129 10.42 -12.63 -7.91
C LEU A 129 10.18 -13.28 -9.28
CA CA B . 4.04 -8.13 1.23
#